data_7TTP
#
_entry.id   7TTP
#
_cell.length_a   69.806
_cell.length_b   69.806
_cell.length_c   132.456
_cell.angle_alpha   90.000
_cell.angle_beta   90.000
_cell.angle_gamma   120.000
#
_symmetry.space_group_name_H-M   'P 32 2 1'
#
loop_
_entity.id
_entity.type
_entity.pdbx_description
1 polymer 'cytochrome P450 hydroxylase'
2 non-polymer 'PROTOPORPHYRIN IX CONTAINING FE'
3 non-polymer GLYCEROL
4 water water
#
_entity_poly.entity_id   1
_entity_poly.type   'polypeptide(L)'
_entity_poly.pdbx_seq_one_letter_code
;MVAPEHRVLHLRDRLDLAAELKLLCERGPLVRIPLEDGSAVHWFALGYDVVREVLGSEKFDKRVIGTHFNHQEMALPGNL
LQLDPPEHTRLRRMVAPAYSVRRMQALEPRVQAIVDDHLDTMASTGPPVEFLREVAGPMAARVACEFLGIPLDDRGELIR
LTAHRGGKRRRVLNGHAYLAYMRELAARLRRDPGDGMLGMVARDHGADISDEELAGLCAVVMNSSVEQTESCLAAGTLLL
LEHPEQFALLRERPELGEQAVEEIVRYLSVFEGLDPRTATEDVEIGGQVIKKGEAVFCSLLAANRADPALDGFDITRKES
RHVAFGHGIHHCLGAPLARMELRIAFTTLVSRFPSLRTAVPAEEIRFRPPSSNVFTLLELPLTW
;
_entity_poly.pdbx_strand_id   A
#
loop_
_chem_comp.id
_chem_comp.type
_chem_comp.name
_chem_comp.formula
GOL non-polymer GLYCEROL 'C3 H8 O3'
HEM non-polymer 'PROTOPORPHYRIN IX CONTAINING FE' 'C34 H32 Fe N4 O4'
#
# COMPACT_ATOMS: atom_id res chain seq x y z
N HIS A 6 19.70 4.87 3.79
CA HIS A 6 19.37 6.07 3.03
C HIS A 6 18.18 6.80 3.61
N ARG A 7 18.39 7.30 4.82
CA ARG A 7 17.31 7.88 5.60
C ARG A 7 16.74 9.14 4.96
N VAL A 8 17.56 9.86 4.19
CA VAL A 8 17.10 11.11 3.58
C VAL A 8 15.86 10.87 2.70
N LEU A 9 15.72 9.68 2.14
CA LEU A 9 14.57 9.39 1.27
C LEU A 9 13.24 9.27 2.03
N HIS A 10 13.24 9.43 3.35
CA HIS A 10 12.05 9.25 4.17
C HIS A 10 11.78 10.45 5.06
N LEU A 11 12.39 11.59 4.76
CA LEU A 11 12.30 12.76 5.61
C LEU A 11 11.08 13.58 5.21
N ARG A 12 10.15 13.75 6.15
CA ARG A 12 8.91 14.47 5.90
C ARG A 12 8.68 15.62 6.87
N ASP A 13 7.80 16.53 6.45
CA ASP A 13 7.27 17.62 7.28
C ASP A 13 5.78 17.34 7.38
N ARG A 14 5.38 16.63 8.43
CA ARG A 14 4.01 16.09 8.56
C ARG A 14 3.78 15.19 7.35
N LEU A 15 2.81 15.47 6.48
CA LEU A 15 2.57 14.63 5.32
C LEU A 15 3.40 15.03 4.11
N ASP A 16 4.11 16.14 4.19
CA ASP A 16 4.81 16.72 3.06
C ASP A 16 6.30 16.36 3.13
N LEU A 17 7.02 16.72 2.06
CA LEU A 17 8.44 16.47 2.02
C LEU A 17 9.19 17.44 2.92
N ALA A 18 10.23 16.95 3.59
CA ALA A 18 11.07 17.85 4.36
C ALA A 18 11.99 18.66 3.45
N ALA A 19 12.35 19.86 3.90
CA ALA A 19 13.26 20.69 3.12
C ALA A 19 14.50 19.90 2.68
N GLU A 20 15.03 19.07 3.57
CA GLU A 20 16.26 18.35 3.25
C GLU A 20 16.05 17.41 2.07
N LEU A 21 14.86 16.80 1.97
CA LEU A 21 14.60 15.90 0.84
C LEU A 21 14.24 16.68 -0.41
N LYS A 22 13.52 17.80 -0.26
CA LYS A 22 13.27 18.66 -1.40
C LYS A 22 14.58 19.13 -2.03
N LEU A 23 15.56 19.48 -1.19
CA LEU A 23 16.85 19.92 -1.70
C LEU A 23 17.53 18.80 -2.47
N LEU A 24 17.45 17.57 -1.98
CA LEU A 24 18.03 16.45 -2.72
C LEU A 24 17.37 16.28 -4.08
N CYS A 25 16.04 16.44 -4.14
CA CYS A 25 15.33 16.27 -5.40
C CYS A 25 15.73 17.32 -6.43
N GLU A 26 16.29 18.45 -5.99
CA GLU A 26 16.73 19.45 -6.96
C GLU A 26 17.98 19.00 -7.70
N ARG A 27 18.65 17.96 -7.22
CA ARG A 27 19.82 17.40 -7.90
C ARG A 27 19.44 16.51 -9.07
N GLY A 28 18.16 16.39 -9.40
CA GLY A 28 17.77 15.76 -10.63
C GLY A 28 17.04 14.47 -10.35
N PRO A 29 16.31 13.96 -11.34
CA PRO A 29 15.49 12.77 -11.09
C PRO A 29 16.29 11.50 -10.88
N LEU A 30 17.57 11.48 -11.24
CA LEU A 30 18.42 10.31 -11.01
C LEU A 30 19.73 10.81 -10.43
N VAL A 31 20.04 10.41 -9.19
CA VAL A 31 21.19 10.92 -8.45
C VAL A 31 22.17 9.79 -8.15
N ARG A 32 23.43 9.98 -8.53
CA ARG A 32 24.47 9.00 -8.27
C ARG A 32 24.97 9.17 -6.83
N ILE A 33 25.06 8.05 -6.11
CA ILE A 33 25.40 8.08 -4.69
C ILE A 33 26.52 7.09 -4.42
N PRO A 34 27.78 7.43 -4.74
CA PRO A 34 28.89 6.53 -4.39
C PRO A 34 29.06 6.49 -2.88
N LEU A 35 29.18 5.29 -2.31
CA LEU A 35 29.24 5.15 -0.86
C LEU A 35 30.56 5.68 -0.34
N GLU A 36 30.51 6.28 0.87
CA GLU A 36 31.68 6.94 1.43
C GLU A 36 32.83 5.96 1.64
N ASP A 37 32.53 4.69 1.85
CA ASP A 37 33.57 3.69 2.08
C ASP A 37 34.10 3.06 0.80
N GLY A 38 33.57 3.45 -0.35
CA GLY A 38 33.97 2.84 -1.61
C GLY A 38 33.41 1.45 -1.85
N SER A 39 32.55 0.97 -0.97
CA SER A 39 32.09 -0.41 -1.07
C SER A 39 31.09 -0.64 -2.19
N ALA A 40 30.43 0.40 -2.67
CA ALA A 40 29.41 0.23 -3.71
C ALA A 40 29.09 1.60 -4.30
N VAL A 41 28.37 1.58 -5.43
CA VAL A 41 27.78 2.78 -6.02
C VAL A 41 26.28 2.59 -6.01
N HIS A 42 25.57 3.49 -5.36
CA HIS A 42 24.12 3.47 -5.25
C HIS A 42 23.54 4.63 -6.04
N TRP A 43 22.26 4.50 -6.39
CA TRP A 43 21.53 5.53 -7.12
C TRP A 43 20.19 5.80 -6.48
N PHE A 44 19.76 7.06 -6.51
CA PHE A 44 18.43 7.46 -6.06
C PHE A 44 17.62 7.80 -7.31
N ALA A 45 16.52 7.08 -7.53
CA ALA A 45 15.56 7.40 -8.58
C ALA A 45 14.41 8.18 -7.93
N LEU A 46 14.33 9.48 -8.23
CA LEU A 46 13.46 10.41 -7.52
C LEU A 46 12.30 10.94 -8.35
N GLY A 47 12.32 10.77 -9.67
CA GLY A 47 11.31 11.33 -10.54
C GLY A 47 10.37 10.25 -11.04
N TYR A 48 9.15 10.68 -11.38
CA TYR A 48 8.11 9.77 -11.87
C TYR A 48 8.58 8.97 -13.08
N ASP A 49 9.10 9.66 -14.10
CA ASP A 49 9.46 8.93 -15.30
C ASP A 49 10.62 7.99 -15.04
N VAL A 50 11.65 8.43 -14.29
CA VAL A 50 12.84 7.61 -14.07
C VAL A 50 12.49 6.39 -13.21
N VAL A 51 11.67 6.58 -12.19
CA VAL A 51 11.24 5.43 -11.40
C VAL A 51 10.53 4.42 -12.28
N ARG A 52 9.66 4.88 -13.17
CA ARG A 52 9.00 3.95 -14.08
C ARG A 52 9.99 3.26 -15.01
N GLU A 53 10.99 4.00 -15.51
CA GLU A 53 12.02 3.41 -16.35
C GLU A 53 12.77 2.29 -15.62
N VAL A 54 13.19 2.56 -14.39
CA VAL A 54 13.89 1.54 -13.61
C VAL A 54 12.99 0.33 -13.37
N LEU A 55 11.78 0.58 -12.87
CA LEU A 55 10.94 -0.54 -12.47
C LEU A 55 10.44 -1.38 -13.65
N GLY A 56 10.32 -0.76 -14.83
CA GLY A 56 9.89 -1.51 -16.01
C GLY A 56 11.00 -2.31 -16.66
N SER A 57 12.25 -1.97 -16.39
CA SER A 57 13.36 -2.57 -17.08
C SER A 57 13.52 -4.03 -16.66
N GLU A 58 13.83 -4.90 -17.63
CA GLU A 58 14.16 -6.27 -17.30
C GLU A 58 15.61 -6.45 -16.85
N LYS A 59 16.41 -5.39 -16.86
CA LYS A 59 17.83 -5.49 -16.57
C LYS A 59 18.14 -5.17 -15.12
N PHE A 60 17.20 -5.43 -14.20
CA PHE A 60 17.45 -5.30 -12.78
C PHE A 60 16.84 -6.51 -12.07
N ASP A 61 17.50 -6.96 -11.01
CA ASP A 61 16.93 -7.97 -10.14
C ASP A 61 16.80 -7.44 -8.71
N LYS A 62 16.22 -8.26 -7.83
CA LYS A 62 16.03 -7.87 -6.44
C LYS A 62 16.98 -8.64 -5.53
N ARG A 63 18.25 -8.71 -5.93
CA ARG A 63 19.21 -9.43 -5.11
C ARG A 63 19.37 -8.78 -3.74
N VAL A 64 19.65 -9.62 -2.75
CA VAL A 64 20.13 -9.16 -1.46
C VAL A 64 21.50 -8.52 -1.64
N ILE A 65 21.72 -7.39 -0.99
CA ILE A 65 23.01 -6.71 -1.05
C ILE A 65 23.51 -6.41 0.36
N PRO A 77 9.18 -17.99 1.87
CA PRO A 77 8.35 -18.66 0.85
C PRO A 77 7.04 -17.95 0.60
N GLY A 78 6.61 -17.93 -0.66
CA GLY A 78 5.39 -17.24 -1.02
C GLY A 78 5.47 -15.73 -1.01
N ASN A 79 6.67 -15.16 -0.87
CA ASN A 79 6.86 -13.71 -0.89
C ASN A 79 7.28 -13.31 -2.30
N LEU A 80 6.31 -12.87 -3.10
CA LEU A 80 6.58 -12.49 -4.49
C LEU A 80 7.67 -11.43 -4.59
N LEU A 81 7.73 -10.52 -3.62
CA LEU A 81 8.67 -9.42 -3.74
C LEU A 81 10.13 -9.86 -3.68
N GLN A 82 10.40 -11.07 -3.19
CA GLN A 82 11.76 -11.58 -3.12
C GLN A 82 12.11 -12.51 -4.28
N LEU A 83 11.25 -12.59 -5.29
CA LEU A 83 11.46 -13.45 -6.45
C LEU A 83 11.73 -12.60 -7.69
N ASP A 84 12.59 -13.11 -8.57
CA ASP A 84 12.78 -12.59 -9.92
C ASP A 84 12.21 -13.59 -10.93
N PRO A 85 11.95 -13.18 -12.17
CA PRO A 85 11.52 -14.13 -13.17
C PRO A 85 12.60 -15.16 -13.41
N PRO A 86 12.24 -16.40 -13.79
CA PRO A 86 10.89 -16.91 -14.04
C PRO A 86 10.10 -17.38 -12.82
N GLU A 87 10.75 -17.59 -11.68
CA GLU A 87 10.03 -18.08 -10.51
C GLU A 87 8.98 -17.07 -10.04
N HIS A 88 9.32 -15.79 -10.09
CA HIS A 88 8.30 -14.77 -9.78
C HIS A 88 7.10 -14.92 -10.70
N THR A 89 7.33 -15.04 -12.01
CA THR A 89 6.25 -15.18 -12.98
C THR A 89 5.36 -16.38 -12.64
N ARG A 90 6.00 -17.50 -12.30
CA ARG A 90 5.26 -18.73 -12.03
C ARG A 90 4.29 -18.54 -10.87
N LEU A 91 4.77 -17.98 -9.76
CA LEU A 91 3.88 -17.84 -8.61
C LEU A 91 2.86 -16.73 -8.83
N ARG A 92 3.27 -15.60 -9.40
CA ARG A 92 2.33 -14.51 -9.59
C ARG A 92 1.19 -14.93 -10.50
N ARG A 93 1.50 -15.71 -11.55
CA ARG A 93 0.47 -16.14 -12.47
C ARG A 93 -0.58 -16.98 -11.77
N MET A 94 -0.18 -17.72 -10.73
CA MET A 94 -1.13 -18.58 -10.02
C MET A 94 -2.07 -17.78 -9.13
N VAL A 95 -1.59 -16.71 -8.51
CA VAL A 95 -2.42 -15.94 -7.60
C VAL A 95 -3.15 -14.80 -8.29
N ALA A 96 -2.66 -14.33 -9.44
CA ALA A 96 -3.25 -13.16 -10.07
C ALA A 96 -4.76 -13.23 -10.26
N PRO A 97 -5.36 -14.35 -10.69
CA PRO A 97 -6.81 -14.34 -10.96
C PRO A 97 -7.66 -13.99 -9.75
N ALA A 98 -7.15 -14.14 -8.53
CA ALA A 98 -7.91 -13.72 -7.36
C ALA A 98 -8.18 -12.22 -7.31
N TYR A 99 -7.49 -11.40 -8.13
CA TYR A 99 -7.68 -9.95 -8.14
C TYR A 99 -8.32 -9.44 -9.42
N SER A 100 -8.88 -10.32 -10.24
CA SER A 100 -9.55 -9.88 -11.45
C SER A 100 -10.69 -8.91 -11.12
N VAL A 101 -11.21 -8.27 -12.17
CA VAL A 101 -12.37 -7.40 -12.02
C VAL A 101 -13.57 -8.20 -11.54
N ARG A 102 -13.74 -9.41 -12.09
CA ARG A 102 -14.88 -10.23 -11.70
C ARG A 102 -14.80 -10.63 -10.23
N ARG A 103 -13.59 -10.78 -9.71
CA ARG A 103 -13.47 -11.12 -8.29
C ARG A 103 -13.81 -9.92 -7.42
N MET A 104 -13.32 -8.73 -7.79
CA MET A 104 -13.57 -7.57 -6.96
C MET A 104 -15.04 -7.18 -6.99
N GLN A 105 -15.72 -7.38 -8.13
CA GLN A 105 -17.14 -7.02 -8.23
C GLN A 105 -17.99 -7.91 -7.35
N ALA A 106 -17.73 -9.22 -7.36
CA ALA A 106 -18.43 -10.13 -6.45
C ALA A 106 -18.15 -9.77 -5.00
N LEU A 107 -16.95 -9.27 -4.69
CA LEU A 107 -16.58 -9.01 -3.31
C LEU A 107 -17.09 -7.66 -2.81
N GLU A 108 -17.34 -6.72 -3.72
CA GLU A 108 -17.63 -5.36 -3.28
C GLU A 108 -18.75 -5.27 -2.23
N PRO A 109 -19.92 -5.89 -2.41
CA PRO A 109 -21.00 -5.70 -1.40
C PRO A 109 -20.60 -6.23 -0.03
N ARG A 110 -19.82 -7.31 0.00
CA ARG A 110 -19.38 -7.85 1.28
C ARG A 110 -18.37 -6.94 1.94
N VAL A 111 -17.51 -6.29 1.14
CA VAL A 111 -16.61 -5.28 1.69
C VAL A 111 -17.39 -4.08 2.20
N GLN A 112 -18.37 -3.62 1.42
CA GLN A 112 -19.23 -2.53 1.89
C GLN A 112 -19.81 -2.87 3.25
N ALA A 113 -20.29 -4.09 3.43
CA ALA A 113 -20.93 -4.46 4.69
C ALA A 113 -19.90 -4.54 5.83
N ILE A 114 -18.70 -5.03 5.55
CA ILE A 114 -17.66 -4.98 6.58
C ILE A 114 -17.33 -3.54 6.97
N VAL A 115 -17.20 -2.65 5.99
CA VAL A 115 -16.98 -1.24 6.32
C VAL A 115 -18.12 -0.73 7.18
N ASP A 116 -19.36 -1.04 6.79
CA ASP A 116 -20.50 -0.56 7.56
C ASP A 116 -20.47 -1.13 8.98
N ASP A 117 -20.08 -2.39 9.13
CA ASP A 117 -19.99 -2.98 10.47
C ASP A 117 -19.11 -2.12 11.37
N HIS A 118 -17.94 -1.74 10.85
CA HIS A 118 -16.99 -1.01 11.67
C HIS A 118 -17.40 0.44 11.92
N LEU A 119 -18.03 1.09 10.94
CA LEU A 119 -18.59 2.41 11.19
C LEU A 119 -19.86 2.32 12.03
N ASP A 120 -20.50 1.16 12.06
CA ASP A 120 -21.58 0.92 13.03
C ASP A 120 -21.03 0.95 14.45
N THR A 121 -20.03 0.11 14.71
CA THR A 121 -19.38 0.10 16.01
C THR A 121 -18.96 1.52 16.40
N MET A 122 -18.40 2.27 15.45
CA MET A 122 -17.88 3.59 15.76
C MET A 122 -19.00 4.54 16.16
N ALA A 123 -20.08 4.58 15.37
CA ALA A 123 -21.19 5.48 15.66
C ALA A 123 -21.90 5.12 16.95
N SER A 124 -21.78 3.87 17.42
CA SER A 124 -22.44 3.45 18.65
C SER A 124 -21.53 3.62 19.88
N THR A 125 -20.25 3.25 19.78
CA THR A 125 -19.32 3.60 20.86
C THR A 125 -19.34 5.09 21.16
N GLY A 126 -19.79 5.92 20.21
CA GLY A 126 -19.82 7.36 20.37
C GLY A 126 -18.43 7.93 20.48
N PRO A 127 -18.29 9.24 20.31
CA PRO A 127 -16.95 9.83 20.30
C PRO A 127 -16.41 9.97 21.72
N PRO A 128 -15.09 10.12 21.87
CA PRO A 128 -14.11 10.09 20.79
C PRO A 128 -13.72 8.66 20.45
N VAL A 129 -12.98 8.47 19.36
CA VAL A 129 -12.40 7.17 19.05
C VAL A 129 -10.96 7.43 18.64
N GLU A 130 -10.10 6.46 18.93
CA GLU A 130 -8.76 6.41 18.36
C GLU A 130 -8.91 5.66 17.03
N PHE A 131 -9.00 6.42 15.93
CA PHE A 131 -9.45 5.84 14.65
C PHE A 131 -8.52 4.76 14.13
N LEU A 132 -7.23 4.86 14.41
CA LEU A 132 -6.29 3.92 13.82
C LEU A 132 -6.48 2.53 14.40
N ARG A 133 -6.38 2.40 15.73
CA ARG A 133 -6.45 1.08 16.37
C ARG A 133 -7.87 0.55 16.41
N GLU A 134 -8.84 1.43 16.60
CA GLU A 134 -10.21 0.99 16.88
C GLU A 134 -11.08 0.83 15.64
N VAL A 135 -10.73 1.46 14.51
CA VAL A 135 -11.57 1.42 13.32
C VAL A 135 -10.78 0.97 12.09
N ALA A 136 -9.75 1.74 11.71
CA ALA A 136 -9.01 1.47 10.48
C ALA A 136 -8.33 0.10 10.51
N GLY A 137 -7.64 -0.21 11.61
CA GLY A 137 -6.91 -1.46 11.72
C GLY A 137 -7.81 -2.66 11.62
N PRO A 138 -8.83 -2.72 12.49
CA PRO A 138 -9.77 -3.86 12.42
C PRO A 138 -10.48 -3.97 11.07
N MET A 139 -10.91 -2.85 10.50
CA MET A 139 -11.57 -2.87 9.20
C MET A 139 -10.67 -3.48 8.14
N ALA A 140 -9.44 -2.98 8.03
CA ALA A 140 -8.53 -3.53 7.03
C ALA A 140 -8.28 -5.01 7.25
N ALA A 141 -8.11 -5.41 8.52
CA ALA A 141 -7.82 -6.81 8.79
C ALA A 141 -9.02 -7.68 8.45
N ARG A 142 -10.24 -7.19 8.71
CA ARG A 142 -11.43 -7.98 8.43
C ARG A 142 -11.68 -8.10 6.93
N VAL A 143 -11.44 -7.03 6.19
CA VAL A 143 -11.54 -7.10 4.73
C VAL A 143 -10.55 -8.12 4.19
N ALA A 144 -9.31 -8.10 4.69
CA ALA A 144 -8.30 -9.05 4.24
C ALA A 144 -8.74 -10.48 4.49
N CYS A 145 -9.30 -10.75 5.66
CA CYS A 145 -9.77 -12.11 5.94
C CYS A 145 -10.84 -12.54 4.95
N GLU A 146 -11.79 -11.64 4.65
CA GLU A 146 -12.86 -11.93 3.69
C GLU A 146 -12.28 -12.23 2.32
N PHE A 147 -11.38 -11.36 1.84
CA PHE A 147 -10.72 -11.58 0.56
C PHE A 147 -9.97 -12.91 0.52
N LEU A 148 -9.24 -13.23 1.58
CA LEU A 148 -8.47 -14.46 1.62
C LEU A 148 -9.35 -15.70 1.78
N GLY A 149 -10.57 -15.55 2.29
CA GLY A 149 -11.39 -16.69 2.60
C GLY A 149 -11.04 -17.36 3.91
N ILE A 150 -10.54 -16.60 4.88
CA ILE A 150 -10.19 -17.20 6.18
C ILE A 150 -11.47 -17.73 6.81
N PRO A 151 -11.50 -18.97 7.31
CA PRO A 151 -12.70 -19.45 8.00
C PRO A 151 -13.05 -18.53 9.16
N LEU A 152 -14.36 -18.32 9.35
CA LEU A 152 -14.81 -17.34 10.33
C LEU A 152 -14.24 -17.62 11.72
N ASP A 153 -14.16 -18.90 12.10
CA ASP A 153 -13.71 -19.23 13.45
C ASP A 153 -12.21 -19.00 13.64
N ASP A 154 -11.45 -18.86 12.56
CA ASP A 154 -10.03 -18.56 12.65
C ASP A 154 -9.73 -17.06 12.62
N ARG A 155 -10.68 -16.22 12.24
CA ARG A 155 -10.36 -14.83 11.95
C ARG A 155 -9.92 -14.08 13.21
N GLY A 156 -10.62 -14.28 14.32
CA GLY A 156 -10.26 -13.58 15.54
C GLY A 156 -8.80 -13.81 15.92
N GLU A 157 -8.36 -15.07 15.91
CA GLU A 157 -7.00 -15.38 16.32
C GLU A 157 -5.99 -14.94 15.28
N LEU A 158 -6.27 -15.20 14.00
CA LEU A 158 -5.36 -14.74 12.94
C LEU A 158 -5.12 -13.24 13.03
N ILE A 159 -6.17 -12.47 13.24
CA ILE A 159 -6.01 -11.02 13.37
C ILE A 159 -5.21 -10.69 14.62
N ARG A 160 -5.54 -11.34 15.73
CA ARG A 160 -4.77 -11.21 16.96
C ARG A 160 -3.35 -11.74 16.71
N TYR A 181 1.75 -21.56 13.44
CA TYR A 181 0.32 -21.24 13.30
C TYR A 181 -0.07 -21.04 11.84
N MET A 182 0.74 -20.27 11.12
CA MET A 182 0.44 -19.96 9.73
C MET A 182 0.52 -21.21 8.87
N ARG A 183 1.58 -22.00 9.03
CA ARG A 183 1.69 -23.25 8.28
C ARG A 183 0.54 -24.19 8.61
N GLU A 184 0.13 -24.22 9.88
CA GLU A 184 -0.97 -25.09 10.29
C GLU A 184 -2.27 -24.66 9.62
N LEU A 185 -2.56 -23.36 9.67
CA LEU A 185 -3.78 -22.84 9.03
C LEU A 185 -3.74 -23.09 7.53
N ALA A 186 -2.59 -22.82 6.89
CA ALA A 186 -2.51 -23.01 5.45
C ALA A 186 -2.65 -24.48 5.07
N ALA A 187 -2.09 -25.39 5.87
CA ALA A 187 -2.21 -26.81 5.57
C ALA A 187 -3.65 -27.29 5.72
N ARG A 188 -4.36 -26.79 6.73
CA ARG A 188 -5.76 -27.18 6.91
C ARG A 188 -6.64 -26.64 5.80
N LEU A 189 -6.45 -25.38 5.41
CA LEU A 189 -7.21 -24.82 4.30
C LEU A 189 -6.88 -25.53 2.98
N ARG A 190 -5.61 -25.87 2.78
CA ARG A 190 -5.23 -26.62 1.59
C ARG A 190 -5.90 -27.98 1.55
N ARG A 191 -6.10 -28.60 2.72
CA ARG A 191 -6.75 -29.90 2.77
C ARG A 191 -8.20 -29.81 2.32
N ASP A 192 -8.88 -28.71 2.66
CA ASP A 192 -10.27 -28.50 2.26
C ASP A 192 -10.41 -27.06 1.79
N PRO A 193 -10.20 -26.80 0.50
CA PRO A 193 -10.30 -25.42 0.01
C PRO A 193 -11.65 -24.81 0.32
N GLY A 194 -11.63 -23.52 0.67
CA GLY A 194 -12.84 -22.79 0.93
C GLY A 194 -13.07 -21.71 -0.11
N ASP A 195 -13.58 -20.57 0.33
CA ASP A 195 -13.80 -19.44 -0.57
C ASP A 195 -12.52 -18.60 -0.62
N GLY A 196 -12.62 -17.46 -1.28
CA GLY A 196 -11.55 -16.49 -1.26
C GLY A 196 -10.31 -16.89 -2.03
N MET A 197 -9.29 -16.05 -1.89
CA MET A 197 -8.07 -16.22 -2.68
C MET A 197 -7.36 -17.51 -2.31
N LEU A 198 -7.31 -17.85 -1.03
CA LEU A 198 -6.56 -19.03 -0.63
C LEU A 198 -7.22 -20.30 -1.15
N GLY A 199 -8.56 -20.33 -1.14
CA GLY A 199 -9.28 -21.47 -1.68
C GLY A 199 -9.12 -21.60 -3.18
N MET A 200 -9.19 -20.49 -3.90
CA MET A 200 -8.98 -20.55 -5.34
C MET A 200 -7.59 -21.10 -5.65
N VAL A 201 -6.58 -20.61 -4.96
CA VAL A 201 -5.21 -21.03 -5.27
C VAL A 201 -5.04 -22.50 -4.99
N ALA A 202 -5.51 -22.96 -3.82
CA ALA A 202 -5.35 -24.36 -3.45
C ALA A 202 -6.17 -25.27 -4.36
N ARG A 203 -7.41 -24.87 -4.66
CA ARG A 203 -8.24 -25.65 -5.57
C ARG A 203 -7.59 -25.77 -6.95
N ASP A 204 -7.13 -24.65 -7.50
CA ASP A 204 -6.63 -24.61 -8.87
C ASP A 204 -5.17 -24.98 -9.01
N HIS A 205 -4.38 -24.91 -7.93
CA HIS A 205 -2.96 -25.25 -8.00
C HIS A 205 -2.54 -26.00 -6.75
N GLY A 206 -3.36 -26.96 -6.32
CA GLY A 206 -3.09 -27.64 -5.07
C GLY A 206 -1.68 -28.20 -4.98
N ALA A 207 -1.27 -28.94 -6.01
CA ALA A 207 0.03 -29.61 -5.93
C ALA A 207 1.17 -28.64 -6.18
N ASP A 208 0.91 -27.54 -6.89
CA ASP A 208 1.98 -26.65 -7.32
C ASP A 208 2.44 -25.69 -6.22
N ILE A 209 1.73 -25.61 -5.09
CA ILE A 209 2.05 -24.64 -4.05
C ILE A 209 2.07 -25.37 -2.71
N SER A 210 3.11 -25.11 -1.92
CA SER A 210 3.33 -25.83 -0.67
C SER A 210 2.55 -25.18 0.47
N ASP A 211 2.55 -25.87 1.61
CA ASP A 211 1.97 -25.28 2.82
C ASP A 211 2.64 -23.94 3.14
N GLU A 212 3.98 -23.92 3.15
CA GLU A 212 4.69 -22.70 3.55
C GLU A 212 4.49 -21.57 2.55
N GLU A 213 4.35 -21.91 1.27
CA GLU A 213 4.12 -20.87 0.26
C GLU A 213 2.72 -20.30 0.41
N LEU A 214 1.74 -21.17 0.62
CA LEU A 214 0.39 -20.67 0.85
C LEU A 214 0.33 -19.84 2.12
N ALA A 215 1.00 -20.29 3.18
CA ALA A 215 1.09 -19.50 4.40
C ALA A 215 1.75 -18.15 4.13
N GLY A 216 2.77 -18.14 3.26
CA GLY A 216 3.46 -16.90 2.95
C GLY A 216 2.58 -15.91 2.21
N LEU A 217 1.81 -16.40 1.25
CA LEU A 217 0.84 -15.54 0.57
C LEU A 217 -0.12 -14.93 1.59
N CYS A 218 -0.62 -15.73 2.52
CA CYS A 218 -1.52 -15.22 3.54
CA CYS A 218 -1.52 -15.24 3.56
C CYS A 218 -0.83 -14.16 4.41
N ALA A 219 0.41 -14.43 4.83
CA ALA A 219 1.10 -13.53 5.75
C ALA A 219 1.31 -12.15 5.13
N VAL A 220 1.69 -12.12 3.85
CA VAL A 220 1.95 -10.84 3.20
C VAL A 220 0.68 -10.00 3.16
N VAL A 221 -0.46 -10.65 2.93
CA VAL A 221 -1.74 -9.94 2.90
C VAL A 221 -2.10 -9.44 4.29
N MET A 222 -1.98 -10.32 5.29
CA MET A 222 -2.41 -9.99 6.65
C MET A 222 -1.44 -9.06 7.36
N ASN A 223 -0.19 -8.97 6.92
CA ASN A 223 0.83 -8.22 7.64
C ASN A 223 1.09 -6.94 6.90
N SER A 224 2.03 -6.91 5.94
CA SER A 224 2.41 -5.67 5.29
C SER A 224 1.21 -5.00 4.63
N SER A 225 0.33 -5.78 3.98
CA SER A 225 -0.71 -5.15 3.20
C SER A 225 -1.73 -4.45 4.09
N VAL A 226 -2.08 -5.08 5.22
CA VAL A 226 -2.96 -4.45 6.22
C VAL A 226 -2.32 -3.20 6.81
N GLU A 227 -1.00 -3.25 7.09
CA GLU A 227 -0.30 -2.07 7.57
C GLU A 227 -0.43 -0.92 6.58
N GLN A 228 -0.14 -1.20 5.31
CA GLN A 228 -0.28 -0.15 4.30
C GLN A 228 -1.72 0.31 4.18
N THR A 229 -2.67 -0.63 4.17
CA THR A 229 -4.06 -0.26 3.97
C THR A 229 -4.58 0.52 5.17
N GLU A 230 -4.32 0.05 6.39
CA GLU A 230 -4.80 0.77 7.56
C GLU A 230 -4.19 2.16 7.62
N SER A 231 -2.91 2.29 7.22
CA SER A 231 -2.30 3.61 7.24
C SER A 231 -2.99 4.53 6.24
N CYS A 232 -3.28 4.03 5.04
CA CYS A 232 -4.01 4.85 4.07
C CYS A 232 -5.36 5.27 4.64
N LEU A 233 -6.05 4.35 5.31
CA LEU A 233 -7.37 4.66 5.85
C LEU A 233 -7.27 5.77 6.89
N ALA A 234 -6.31 5.66 7.81
CA ALA A 234 -6.24 6.62 8.89
C ALA A 234 -5.62 7.94 8.42
N ALA A 235 -4.45 7.88 7.78
CA ALA A 235 -3.85 9.12 7.34
C ALA A 235 -4.68 9.78 6.23
N GLY A 236 -5.38 8.99 5.44
CA GLY A 236 -6.23 9.58 4.41
C GLY A 236 -7.44 10.26 4.99
N THR A 237 -7.95 9.72 6.10
CA THR A 237 -9.02 10.40 6.82
C THR A 237 -8.51 11.74 7.37
N LEU A 238 -7.31 11.75 7.92
CA LEU A 238 -6.73 13.01 8.37
C LEU A 238 -6.59 13.99 7.21
N LEU A 239 -6.06 13.52 6.09
CA LEU A 239 -5.87 14.39 4.93
C LEU A 239 -7.19 14.98 4.49
N LEU A 240 -8.26 14.17 4.44
CA LEU A 240 -9.56 14.71 4.06
C LEU A 240 -10.05 15.71 5.11
N LEU A 241 -9.86 15.40 6.39
CA LEU A 241 -10.27 16.35 7.43
C LEU A 241 -9.50 17.67 7.34
N GLU A 242 -8.26 17.64 6.87
CA GLU A 242 -7.47 18.87 6.71
C GLU A 242 -7.88 19.67 5.48
N HIS A 243 -8.67 19.09 4.59
CA HIS A 243 -9.22 19.78 3.42
C HIS A 243 -10.73 19.65 3.48
N PRO A 244 -11.37 20.38 4.39
CA PRO A 244 -12.82 20.19 4.63
C PRO A 244 -13.67 20.44 3.40
N GLU A 245 -13.21 21.28 2.47
CA GLU A 245 -13.96 21.48 1.22
C GLU A 245 -14.04 20.18 0.43
N GLN A 246 -13.00 19.35 0.45
CA GLN A 246 -13.00 18.10 -0.29
C GLN A 246 -13.64 16.97 0.49
N PHE A 247 -13.51 16.95 1.82
CA PHE A 247 -14.32 16.06 2.63
C PHE A 247 -15.79 16.20 2.25
N ALA A 248 -16.27 17.44 2.17
CA ALA A 248 -17.68 17.65 1.85
C ALA A 248 -17.98 17.31 0.40
N LEU A 249 -17.09 17.67 -0.53
CA LEU A 249 -17.32 17.35 -1.93
C LEU A 249 -17.49 15.86 -2.14
N LEU A 250 -16.67 15.04 -1.48
CA LEU A 250 -16.83 13.60 -1.66
C LEU A 250 -18.17 13.11 -1.13
N ARG A 251 -18.71 13.76 -0.10
CA ARG A 251 -20.05 13.39 0.37
C ARG A 251 -21.11 13.81 -0.64
N GLU A 252 -20.99 15.02 -1.19
CA GLU A 252 -21.99 15.46 -2.15
C GLU A 252 -21.87 14.72 -3.48
N ARG A 253 -20.66 14.31 -3.86
CA ARG A 253 -20.40 13.66 -5.13
C ARG A 253 -19.63 12.36 -4.91
N PRO A 254 -20.29 11.31 -4.44
CA PRO A 254 -19.58 10.05 -4.18
C PRO A 254 -18.94 9.47 -5.43
N GLU A 255 -19.37 9.89 -6.63
CA GLU A 255 -18.75 9.41 -7.84
C GLU A 255 -17.29 9.82 -7.95
N LEU A 256 -16.83 10.78 -7.14
CA LEU A 256 -15.43 11.17 -7.08
C LEU A 256 -14.57 10.16 -6.35
N GLY A 257 -15.17 9.11 -5.80
CA GLY A 257 -14.43 8.21 -4.92
C GLY A 257 -13.17 7.66 -5.57
N GLU A 258 -13.29 7.12 -6.79
CA GLU A 258 -12.12 6.52 -7.44
C GLU A 258 -11.01 7.56 -7.63
N GLN A 259 -11.35 8.77 -8.07
CA GLN A 259 -10.36 9.83 -8.22
C GLN A 259 -9.76 10.19 -6.86
N ALA A 260 -10.61 10.28 -5.84
CA ALA A 260 -10.14 10.63 -4.50
C ALA A 260 -9.09 9.63 -4.02
N VAL A 261 -9.34 8.35 -4.22
CA VAL A 261 -8.39 7.34 -3.78
C VAL A 261 -7.05 7.53 -4.46
N GLU A 262 -7.04 7.76 -5.78
CA GLU A 262 -5.75 7.95 -6.45
C GLU A 262 -4.99 9.14 -5.87
N GLU A 263 -5.70 10.25 -5.61
CA GLU A 263 -5.03 11.43 -5.09
C GLU A 263 -4.58 11.17 -3.66
N ILE A 264 -5.35 10.40 -2.91
CA ILE A 264 -4.95 10.09 -1.54
C ILE A 264 -3.71 9.20 -1.50
N VAL A 265 -3.70 8.12 -2.29
CA VAL A 265 -2.51 7.25 -2.23
C VAL A 265 -1.28 7.98 -2.78
N ARG A 266 -1.44 8.84 -3.80
CA ARG A 266 -0.33 9.66 -4.26
C ARG A 266 0.19 10.57 -3.15
N TYR A 267 -0.72 11.30 -2.52
CA TYR A 267 -0.30 12.31 -1.56
C TYR A 267 0.32 11.67 -0.32
N LEU A 268 -0.27 10.58 0.16
CA LEU A 268 0.26 9.91 1.35
C LEU A 268 1.60 9.22 1.07
N SER A 269 1.68 8.46 -0.02
CA SER A 269 2.84 7.64 -0.34
C SER A 269 3.29 6.82 0.88
N VAL A 270 2.36 6.01 1.41
CA VAL A 270 2.68 5.31 2.66
C VAL A 270 3.77 4.29 2.42
N PHE A 271 3.86 3.73 1.21
CA PHE A 271 4.98 2.90 0.79
C PHE A 271 5.94 3.88 0.16
N GLU A 272 6.95 4.30 0.93
CA GLU A 272 7.74 5.47 0.56
C GLU A 272 8.87 5.14 -0.40
N GLY A 273 9.56 4.04 -0.15
CA GLY A 273 10.73 3.69 -0.92
C GLY A 273 10.79 2.20 -1.11
N LEU A 274 11.31 1.81 -2.26
CA LEU A 274 11.32 0.41 -2.65
C LEU A 274 12.65 -0.26 -2.35
N ASP A 275 12.58 -1.61 -2.20
CA ASP A 275 13.73 -2.49 -2.14
C ASP A 275 14.61 -2.14 -3.33
N PRO A 276 15.93 -2.19 -3.17
CA PRO A 276 16.84 -1.84 -4.27
C PRO A 276 16.73 -2.78 -5.48
N ARG A 277 16.90 -2.19 -6.65
CA ARG A 277 17.00 -2.90 -7.92
C ARG A 277 18.46 -2.86 -8.35
N THR A 278 19.09 -4.01 -8.49
CA THR A 278 20.48 -4.07 -8.91
C THR A 278 20.57 -4.37 -10.41
N ALA A 279 21.34 -3.55 -11.12
CA ALA A 279 21.53 -3.77 -12.55
C ALA A 279 22.26 -5.07 -12.79
N THR A 280 21.68 -5.90 -13.66
CA THR A 280 22.32 -7.15 -14.06
C THR A 280 23.30 -6.96 -15.21
N GLU A 281 23.31 -5.79 -15.82
CA GLU A 281 24.23 -5.40 -16.89
C GLU A 281 24.21 -3.90 -16.96
N ASP A 282 25.20 -3.31 -17.64
CA ASP A 282 25.18 -1.88 -17.88
C ASP A 282 23.85 -1.52 -18.55
N VAL A 283 23.25 -0.43 -18.11
CA VAL A 283 21.95 -0.01 -18.64
C VAL A 283 21.83 1.50 -18.52
N GLU A 284 21.35 2.14 -19.59
CA GLU A 284 21.18 3.59 -19.61
C GLU A 284 19.79 3.94 -19.10
N ILE A 285 19.73 4.79 -18.09
CA ILE A 285 18.49 5.19 -17.44
C ILE A 285 18.53 6.69 -17.28
N GLY A 286 17.50 7.37 -17.77
CA GLY A 286 17.43 8.82 -17.59
C GLY A 286 18.70 9.54 -18.00
N GLY A 287 19.34 9.09 -19.07
CA GLY A 287 20.52 9.74 -19.61
C GLY A 287 21.85 9.30 -19.03
N GLN A 288 21.85 8.44 -18.03
CA GLN A 288 23.08 8.01 -17.36
C GLN A 288 23.22 6.51 -17.43
N VAL A 289 24.46 6.05 -17.41
CA VAL A 289 24.75 4.63 -17.49
C VAL A 289 24.87 4.08 -16.06
N ILE A 290 23.94 3.21 -15.70
CA ILE A 290 24.01 2.48 -14.44
C ILE A 290 24.82 1.22 -14.70
N LYS A 291 25.94 1.08 -14.02
CA LYS A 291 26.82 -0.05 -14.29
C LYS A 291 26.29 -1.31 -13.63
N LYS A 292 26.56 -2.44 -14.30
CA LYS A 292 26.34 -3.76 -13.74
C LYS A 292 26.73 -3.78 -12.28
N GLY A 293 25.78 -4.22 -11.43
CA GLY A 293 26.01 -4.40 -10.02
C GLY A 293 25.64 -3.22 -9.15
N GLU A 294 25.36 -2.07 -9.74
CA GLU A 294 25.00 -0.90 -8.96
C GLU A 294 23.53 -0.99 -8.59
N ALA A 295 23.20 -0.51 -7.39
CA ALA A 295 21.86 -0.62 -6.84
C ALA A 295 21.11 0.70 -6.95
N VAL A 296 19.84 0.63 -7.36
CA VAL A 296 19.00 1.80 -7.55
C VAL A 296 17.86 1.73 -6.54
N PHE A 297 17.70 2.80 -5.80
CA PHE A 297 16.65 2.95 -4.79
C PHE A 297 15.60 3.91 -5.34
N CYS A 298 14.39 3.39 -5.60
CA CYS A 298 13.29 4.21 -6.08
C CYS A 298 12.53 4.83 -4.93
N SER A 299 12.34 6.13 -4.99
CA SER A 299 11.60 6.86 -3.98
C SER A 299 10.21 7.17 -4.54
N LEU A 300 9.22 6.37 -4.15
CA LEU A 300 7.86 6.66 -4.55
C LEU A 300 7.42 7.98 -3.96
N LEU A 301 7.82 8.26 -2.72
CA LEU A 301 7.51 9.52 -2.08
C LEU A 301 7.99 10.70 -2.91
N ALA A 302 9.24 10.67 -3.33
CA ALA A 302 9.75 11.82 -4.08
C ALA A 302 9.07 11.90 -5.44
N ALA A 303 8.88 10.75 -6.09
CA ALA A 303 8.26 10.74 -7.41
C ALA A 303 6.84 11.26 -7.35
N ASN A 304 6.13 10.96 -6.26
CA ASN A 304 4.73 11.34 -6.14
C ASN A 304 4.54 12.78 -5.68
N ARG A 305 5.54 13.39 -5.05
CA ARG A 305 5.37 14.66 -4.35
C ARG A 305 6.33 15.78 -4.73
N ALA A 306 7.46 15.48 -5.36
CA ALA A 306 8.50 16.48 -5.52
C ALA A 306 8.18 17.52 -6.58
N ASP A 307 7.25 17.23 -7.49
CA ASP A 307 6.84 18.17 -8.52
C ASP A 307 5.99 19.30 -7.93
N ASP A 311 1.10 19.55 -7.16
CA ASP A 311 1.18 18.64 -6.02
C ASP A 311 0.03 18.83 -5.03
N GLY A 312 -0.63 19.98 -5.09
CA GLY A 312 -1.73 20.25 -4.19
C GLY A 312 -2.77 19.16 -4.13
N PHE A 313 -3.24 18.81 -2.92
CA PHE A 313 -4.22 17.76 -2.76
C PHE A 313 -5.57 18.19 -3.35
N ASP A 314 -6.06 17.44 -4.34
CA ASP A 314 -7.26 17.83 -5.08
C ASP A 314 -7.94 16.60 -5.66
N ILE A 315 -9.07 16.20 -5.06
CA ILE A 315 -9.75 14.99 -5.51
C ILE A 315 -10.54 15.21 -6.80
N THR A 316 -10.63 16.44 -7.30
CA THR A 316 -11.26 16.69 -8.60
C THR A 316 -10.34 16.38 -9.76
N ARG A 317 -9.06 16.09 -9.50
CA ARG A 317 -8.15 15.67 -10.56
C ARG A 317 -8.66 14.38 -11.18
N LYS A 318 -8.86 14.40 -12.50
CA LYS A 318 -9.45 13.24 -13.16
C LYS A 318 -8.44 12.11 -13.30
N GLU A 319 -7.16 12.43 -13.34
CA GLU A 319 -6.11 11.43 -13.50
C GLU A 319 -4.91 11.88 -12.71
N SER A 320 -4.40 11.01 -11.83
CA SER A 320 -3.27 11.30 -10.98
C SER A 320 -2.00 10.70 -11.57
N ARG A 321 -0.92 11.48 -11.53
CA ARG A 321 0.41 11.03 -11.92
C ARG A 321 1.10 10.50 -10.66
N HIS A 322 1.21 9.18 -10.56
CA HIS A 322 1.83 8.64 -9.36
C HIS A 322 2.25 7.20 -9.58
N VAL A 323 3.13 6.75 -8.68
CA VAL A 323 3.64 5.38 -8.65
C VAL A 323 3.44 4.78 -7.26
N ALA A 324 2.33 5.12 -6.62
CA ALA A 324 2.13 4.70 -5.23
C ALA A 324 2.03 3.18 -5.09
N PHE A 325 1.60 2.48 -6.16
CA PHE A 325 1.52 1.02 -6.19
C PHE A 325 2.66 0.41 -7.01
N GLY A 326 3.70 1.16 -7.30
CA GLY A 326 4.81 0.64 -8.06
C GLY A 326 4.50 0.57 -9.56
N HIS A 327 5.22 -0.32 -10.22
CA HIS A 327 5.27 -0.33 -11.68
C HIS A 327 6.08 -1.54 -12.13
N GLY A 328 5.67 -2.17 -13.22
CA GLY A 328 6.39 -3.32 -13.73
C GLY A 328 5.91 -4.64 -13.14
N ILE A 329 6.76 -5.65 -13.25
CA ILE A 329 6.29 -7.00 -12.91
C ILE A 329 5.93 -7.13 -11.44
N HIS A 330 6.50 -6.29 -10.58
CA HIS A 330 6.23 -6.32 -9.15
C HIS A 330 5.13 -5.34 -8.74
N HIS A 331 4.51 -4.66 -9.70
CA HIS A 331 3.38 -3.77 -9.41
C HIS A 331 2.42 -4.40 -8.41
N CYS A 332 1.98 -3.59 -7.46
CA CYS A 332 1.18 -4.12 -6.35
C CYS A 332 0.08 -5.06 -6.82
N LEU A 333 0.19 -6.33 -6.40
CA LEU A 333 -0.80 -7.32 -6.78
C LEU A 333 -2.16 -7.00 -6.15
N GLY A 334 -2.14 -6.35 -5.00
CA GLY A 334 -3.36 -6.04 -4.28
C GLY A 334 -4.04 -4.75 -4.67
N ALA A 335 -3.51 -4.05 -5.65
CA ALA A 335 -4.03 -2.71 -5.93
C ALA A 335 -5.53 -2.75 -6.23
N PRO A 336 -6.07 -3.72 -6.98
CA PRO A 336 -7.54 -3.73 -7.18
C PRO A 336 -8.29 -3.75 -5.87
N LEU A 337 -7.84 -4.55 -4.92
CA LEU A 337 -8.52 -4.65 -3.64
C LEU A 337 -8.35 -3.37 -2.84
N ALA A 338 -7.12 -2.88 -2.73
CA ALA A 338 -6.85 -1.64 -2.01
C ALA A 338 -7.67 -0.49 -2.58
N ARG A 339 -7.72 -0.37 -3.89
CA ARG A 339 -8.47 0.72 -4.49
C ARG A 339 -9.95 0.60 -4.16
N MET A 340 -10.48 -0.61 -4.20
CA MET A 340 -11.90 -0.80 -3.92
CA MET A 340 -11.90 -0.78 -3.92
C MET A 340 -12.19 -0.56 -2.45
N GLU A 341 -11.37 -1.12 -1.56
CA GLU A 341 -11.62 -0.97 -0.14
C GLU A 341 -11.54 0.49 0.29
N LEU A 342 -10.52 1.21 -0.19
CA LEU A 342 -10.38 2.61 0.20
C LEU A 342 -11.53 3.44 -0.35
N ARG A 343 -11.93 3.20 -1.59
CA ARG A 343 -13.06 3.94 -2.15
C ARG A 343 -14.29 3.77 -1.28
N ILE A 344 -14.63 2.52 -0.96
CA ILE A 344 -15.79 2.22 -0.15
C ILE A 344 -15.66 2.88 1.23
N ALA A 345 -14.47 2.80 1.82
CA ALA A 345 -14.27 3.30 3.17
C ALA A 345 -14.37 4.82 3.23
N PHE A 346 -13.60 5.53 2.40
CA PHE A 346 -13.65 6.99 2.44
C PHE A 346 -15.04 7.51 2.04
N THR A 347 -15.67 6.93 1.02
CA THR A 347 -16.98 7.46 0.62
C THR A 347 -18.02 7.25 1.72
N THR A 348 -18.01 6.07 2.34
CA THR A 348 -18.97 5.78 3.41
C THR A 348 -18.68 6.64 4.64
N LEU A 349 -17.42 6.83 4.99
CA LEU A 349 -17.07 7.62 6.16
C LEU A 349 -17.57 9.06 6.05
N VAL A 350 -17.29 9.71 4.92
CA VAL A 350 -17.69 11.12 4.82
C VAL A 350 -19.21 11.23 4.77
N SER A 351 -19.89 10.20 4.29
CA SER A 351 -21.35 10.25 4.27
C SER A 351 -21.95 10.02 5.66
N ARG A 352 -21.42 9.05 6.40
CA ARG A 352 -22.00 8.72 7.70
C ARG A 352 -21.56 9.68 8.81
N PHE A 353 -20.48 10.45 8.62
CA PHE A 353 -19.95 11.32 9.67
C PHE A 353 -19.61 12.69 9.11
N PRO A 354 -20.62 13.44 8.66
CA PRO A 354 -20.34 14.77 8.10
C PRO A 354 -19.72 15.73 9.11
N SER A 355 -19.92 15.51 10.41
CA SER A 355 -19.38 16.38 11.45
C SER A 355 -18.01 15.90 11.96
N LEU A 356 -17.44 14.89 11.31
CA LEU A 356 -16.18 14.34 11.79
C LEU A 356 -15.13 15.43 11.89
N ARG A 357 -14.28 15.33 12.92
CA ARG A 357 -13.20 16.29 13.08
C ARG A 357 -12.15 15.66 14.00
N THR A 358 -10.90 16.11 13.86
CA THR A 358 -9.87 15.68 14.78
C THR A 358 -10.20 16.18 16.17
N ALA A 359 -10.01 15.31 17.16
CA ALA A 359 -10.25 15.68 18.55
C ALA A 359 -9.08 16.44 19.16
N VAL A 360 -7.97 16.59 18.42
CA VAL A 360 -6.87 17.48 18.78
C VAL A 360 -6.55 18.31 17.54
N PRO A 361 -5.85 19.43 17.72
CA PRO A 361 -5.35 20.17 16.54
C PRO A 361 -4.52 19.26 15.65
N ALA A 362 -4.74 19.36 14.34
CA ALA A 362 -4.05 18.47 13.40
C ALA A 362 -2.55 18.52 13.62
N GLU A 363 -2.01 19.69 13.98
CA GLU A 363 -0.57 19.86 14.13
C GLU A 363 0.01 19.04 15.28
N GLU A 364 -0.84 18.49 16.15
CA GLU A 364 -0.36 17.67 17.26
C GLU A 364 -0.25 16.18 16.92
N ILE A 365 -0.71 15.78 15.73
CA ILE A 365 -0.70 14.37 15.37
C ILE A 365 0.74 13.90 15.25
N ARG A 366 1.03 12.73 15.82
CA ARG A 366 2.35 12.14 15.74
C ARG A 366 2.45 11.24 14.51
N PHE A 367 3.54 11.38 13.76
CA PHE A 367 3.87 10.51 12.64
C PHE A 367 5.11 9.67 12.97
N ARG A 368 5.15 8.46 12.43
CA ARG A 368 6.29 7.59 12.68
C ARG A 368 7.55 8.24 12.11
N PRO A 369 8.66 8.24 12.84
CA PRO A 369 9.88 8.90 12.36
C PRO A 369 10.48 8.19 11.17
N PRO A 370 11.40 8.85 10.46
CA PRO A 370 11.93 8.29 9.21
C PRO A 370 12.41 6.86 9.37
N SER A 371 11.89 5.99 8.51
CA SER A 371 12.20 4.57 8.55
C SER A 371 11.83 4.02 7.18
N SER A 372 12.39 2.85 6.86
CA SER A 372 11.91 2.12 5.70
C SER A 372 10.56 1.50 5.97
N ASN A 373 10.10 1.48 7.21
CA ASN A 373 8.78 0.93 7.51
C ASN A 373 7.68 1.79 6.89
N VAL A 374 6.48 1.20 6.76
CA VAL A 374 5.36 1.92 6.18
C VAL A 374 5.18 3.25 6.91
N PHE A 375 4.90 4.31 6.16
CA PHE A 375 4.59 5.59 6.77
C PHE A 375 3.20 5.53 7.38
N THR A 376 3.07 6.04 8.61
CA THR A 376 1.79 6.03 9.32
C THR A 376 1.84 7.05 10.45
N LEU A 377 0.67 7.58 10.81
CA LEU A 377 0.53 8.27 12.08
C LEU A 377 0.46 7.23 13.20
N LEU A 378 0.71 7.67 14.44
CA LEU A 378 0.75 6.76 15.57
C LEU A 378 -0.62 6.60 16.22
N GLU A 379 -1.46 7.62 16.17
CA GLU A 379 -2.84 7.55 16.61
C GLU A 379 -3.58 8.71 15.97
N LEU A 380 -4.90 8.58 15.91
CA LEU A 380 -5.75 9.59 15.31
C LEU A 380 -7.02 9.73 16.12
N PRO A 381 -7.01 10.57 17.17
CA PRO A 381 -8.23 10.79 17.96
C PRO A 381 -9.21 11.63 17.16
N LEU A 382 -10.41 11.09 16.95
CA LEU A 382 -11.47 11.79 16.24
C LEU A 382 -12.70 11.93 17.13
N THR A 383 -13.48 12.97 16.85
CA THR A 383 -14.78 13.19 17.46
C THR A 383 -15.76 13.64 16.38
N TRP A 384 -17.04 13.70 16.73
CA TRP A 384 -18.06 14.15 15.78
C TRP A 384 -19.35 14.55 16.51
CHA HEM B . 3.64 -4.96 -4.01
CHB HEM B . 2.00 -0.68 -2.46
CHC HEM B . -1.90 -2.85 -0.55
CHD HEM B . -0.22 -7.16 -2.01
C1A HEM B . 3.52 -3.60 -3.80
C2A HEM B . 4.42 -2.57 -4.28
C3A HEM B . 3.98 -1.38 -3.85
C4A HEM B . 2.77 -1.64 -3.09
CMA HEM B . 4.60 0.01 -4.08
CAA HEM B . 5.69 -2.79 -5.14
CBA HEM B . 6.93 -2.94 -4.28
CGA HEM B . 8.16 -3.07 -5.14
O1A HEM B . 8.06 -3.13 -6.40
O2A HEM B . 9.29 -3.11 -4.56
C1B HEM B . 0.80 -0.89 -1.80
C2B HEM B . -0.03 0.14 -1.18
C3B HEM B . -1.09 -0.48 -0.63
C4B HEM B . -0.97 -1.89 -0.91
CMB HEM B . 0.31 1.66 -1.23
CAB HEM B . -2.32 0.10 0.10
CBB HEM B . -2.72 1.36 -0.10
C1C HEM B . -1.81 -4.19 -0.85
C2C HEM B . -2.87 -5.16 -0.64
C3C HEM B . -2.39 -6.36 -1.04
C4C HEM B . -1.04 -6.17 -1.52
CMC HEM B . -4.27 -4.84 -0.06
CAC HEM B . -3.07 -7.75 -1.06
CBC HEM B . -4.33 -7.96 -0.66
C1D HEM B . 0.99 -6.94 -2.64
C2D HEM B . 1.86 -7.97 -3.17
C3D HEM B . 2.94 -7.37 -3.71
C4D HEM B . 2.77 -5.94 -3.55
CMD HEM B . 1.58 -9.48 -3.06
CAD HEM B . 4.16 -8.04 -4.39
CBD HEM B . 3.90 -8.19 -5.89
CGD HEM B . 5.11 -8.74 -6.61
O1D HEM B . 4.93 -9.32 -7.69
O2D HEM B . 6.23 -8.62 -6.10
NA HEM B . 2.52 -2.99 -3.09
NB HEM B . 0.22 -2.12 -1.60
NC HEM B . -0.71 -4.83 -1.39
ND HEM B . 1.56 -5.70 -2.89
FE HEM B . 0.82 -3.90 -2.35
HHB HEM B . 2.34 0.24 -2.48
HHC HEM B . -2.68 -2.55 -0.03
HHD HEM B . -0.52 -8.09 -1.92
HMA HEM B . 4.03 0.69 -3.68
HMAA HEM B . 4.70 0.17 -5.03
HMAB HEM B . 5.49 0.05 -3.65
HAA HEM B . 5.80 -2.03 -5.74
HAAA HEM B . 5.57 -3.60 -5.67
HBA HEM B . 6.85 -3.74 -3.73
HBAA HEM B . 7.02 -2.16 -3.71
HMB HEM B . 1.26 1.79 -1.07
HMBA HEM B . -0.20 2.12 -0.55
HMBB HEM B . 0.08 2.01 -2.10
HAB HEM B . -2.81 -0.46 0.70
HBB HEM B . -3.49 1.70 0.37
HBBA HEM B . -2.23 1.94 -0.71
HMC HEM B . -4.43 -3.88 -0.11
HMCA HEM B . -4.31 -5.13 0.86
HMCB HEM B . -4.95 -5.30 -0.58
HAC HEM B . -2.57 -8.51 -1.39
HBC HEM B . -4.71 -8.85 -0.70
HBCA HEM B . -4.86 -7.22 -0.34
HMD HEM B . 2.29 -9.98 -3.52
HMDA HEM B . 0.72 -9.68 -3.48
HMDB HEM B . 1.56 -9.74 -2.12
HAD HEM B . 4.31 -8.91 -3.99
HADA HEM B . 4.94 -7.48 -4.25
HBD HEM B . 3.68 -7.32 -6.26
HBDA HEM B . 3.16 -8.80 -6.02
HHA HEM B . 4.40 -5.27 -4.55
C1 GOL C . 3.55 -7.14 -0.45
O1 GOL C . 4.68 -7.89 0.00
C2 GOL C . 3.21 -6.19 0.67
O2 GOL C . 4.17 -5.23 0.85
C3 GOL C . 1.85 -5.57 0.33
O3 GOL C . 2.11 -4.32 -0.36
H11 GOL C . 2.79 -7.69 -0.65
H12 GOL C . 3.73 -6.63 -1.25
HO1 GOL C . 4.80 -8.52 -0.55
H2 GOL C . 3.16 -6.69 1.50
HO2 GOL C . 3.80 -4.51 1.15
H31 GOL C . 1.34 -5.44 1.15
H32 GOL C . 1.33 -6.20 -0.20
HO3 GOL C . 2.86 -4.46 -0.77
#